data_7MQQ
#
_entry.id   7MQQ
#
_cell.length_a   50.732
_cell.length_b   50.732
_cell.length_c   91.091
_cell.angle_alpha   90.000
_cell.angle_beta   90.000
_cell.angle_gamma   120.000
#
_symmetry.space_group_name_H-M   'P 32 2 1'
#
loop_
_entity.id
_entity.type
_entity.pdbx_description
1 polymer 'Stem rust effector protein AvrSr50'
2 non-polymer 'MAGNESIUM ION'
3 water water
#
_entity_poly.entity_id   1
_entity_poly.type   'polypeptide(L)'
_entity_poly.pdbx_seq_one_letter_code
;GPMARSLIKTDWSGSEYTILGANHYEEPNTGAAAQFPGTMAEDDGRSPYIVRKLRNSSGKRFYVFTDHPQQPIIWNPHEE
IEIQFSRKYLIAVLTEFEADSKVFTHFARRQHRS
;
_entity_poly.pdbx_strand_id   A
#
loop_
_chem_comp.id
_chem_comp.type
_chem_comp.name
_chem_comp.formula
MG non-polymer 'MAGNESIUM ION' 'Mg 2'
#
# COMPACT_ATOMS: atom_id res chain seq x y z
N GLY A 1 3.44 -17.80 -5.15
CA GLY A 1 2.36 -16.95 -5.62
C GLY A 1 2.63 -16.40 -7.02
N PRO A 2 1.62 -15.78 -7.64
CA PRO A 2 1.85 -15.15 -8.95
C PRO A 2 2.75 -13.94 -8.85
N MET A 3 3.43 -13.70 -9.98
CA MET A 3 4.39 -12.61 -10.07
C MET A 3 3.73 -11.26 -9.88
N ALA A 4 2.47 -11.16 -10.27
CA ALA A 4 1.73 -9.92 -10.24
C ALA A 4 1.62 -9.35 -8.81
N ARG A 5 1.65 -10.19 -7.78
CA ARG A 5 1.56 -9.70 -6.41
C ARG A 5 2.79 -8.89 -6.01
N SER A 6 2.59 -7.86 -5.22
CA SER A 6 3.69 -7.12 -4.65
C SER A 6 3.24 -6.67 -3.25
N LEU A 7 3.34 -7.61 -2.33
CA LEU A 7 2.69 -7.45 -1.03
C LEU A 7 3.43 -8.28 -0.01
N ILE A 8 3.84 -7.68 1.10
CA ILE A 8 4.55 -8.34 2.19
C ILE A 8 3.77 -8.10 3.47
N LYS A 9 3.59 -9.13 4.28
CA LYS A 9 3.06 -8.97 5.62
C LYS A 9 4.15 -9.28 6.61
N THR A 10 4.36 -8.41 7.57
CA THR A 10 5.41 -8.64 8.55
C THR A 10 4.97 -8.11 9.93
N ASP A 11 5.55 -8.68 10.94
CA ASP A 11 5.33 -8.25 12.30
C ASP A 11 6.52 -7.41 12.76
N TRP A 12 6.25 -6.32 13.49
CA TRP A 12 7.31 -5.48 14.03
C TRP A 12 6.82 -4.91 15.36
N SER A 13 7.55 -5.18 16.43
CA SER A 13 7.27 -4.65 17.76
C SER A 13 5.80 -4.83 18.14
N GLY A 14 5.25 -6.00 17.83
CA GLY A 14 3.94 -6.38 18.33
C GLY A 14 2.78 -6.04 17.45
N SER A 15 3.04 -5.47 16.27
CA SER A 15 1.94 -5.16 15.37
C SER A 15 2.26 -5.62 13.96
N GLU A 16 1.22 -5.86 13.20
CA GLU A 16 1.36 -6.30 11.83
C GLU A 16 1.35 -5.13 10.88
N TYR A 17 2.28 -5.17 9.92
CA TYR A 17 2.43 -4.15 8.89
C TYR A 17 2.25 -4.85 7.54
N THR A 18 1.47 -4.24 6.64
CA THR A 18 1.33 -4.68 5.26
C THR A 18 2.08 -3.69 4.39
N ILE A 19 3.06 -4.18 3.62
CA ILE A 19 3.85 -3.34 2.77
C ILE A 19 3.36 -3.64 1.35
N LEU A 20 2.77 -2.64 0.72
CA LEU A 20 2.14 -2.76 -0.57
C LEU A 20 2.99 -2.06 -1.61
N GLY A 21 3.41 -2.80 -2.63
CA GLY A 21 4.18 -2.19 -3.71
C GLY A 21 3.29 -1.42 -4.68
N ALA A 22 3.86 -0.38 -5.29
CA ALA A 22 3.12 0.39 -6.30
C ALA A 22 2.80 -0.42 -7.54
N ASN A 23 3.49 -1.55 -7.73
CA ASN A 23 3.29 -2.47 -8.84
C ASN A 23 2.45 -3.67 -8.45
N HIS A 24 1.80 -3.66 -7.29
CA HIS A 24 0.95 -4.79 -6.94
C HIS A 24 -0.20 -4.90 -7.92
N TYR A 25 -0.55 -6.11 -8.32
CA TYR A 25 -1.67 -6.29 -9.21
C TYR A 25 -2.51 -7.51 -8.83
N GLU A 26 -3.78 -7.26 -8.63
CA GLU A 26 -4.80 -8.30 -8.59
C GLU A 26 -5.95 -7.80 -9.45
N GLU A 27 -6.37 -8.64 -10.35
CA GLU A 27 -7.28 -8.24 -11.35
C GLU A 27 -8.65 -8.06 -10.71
N PRO A 28 -9.32 -6.98 -10.97
CA PRO A 28 -10.69 -6.86 -10.48
C PRO A 28 -11.53 -8.04 -10.95
N ASN A 29 -12.32 -8.60 -10.06
CA ASN A 29 -13.22 -9.77 -10.28
C ASN A 29 -12.48 -11.08 -10.34
N THR A 30 -11.21 -11.11 -9.95
CA THR A 30 -10.55 -12.39 -9.81
C THR A 30 -11.34 -13.35 -8.92
N GLY A 31 -11.34 -14.63 -9.27
CA GLY A 31 -11.91 -15.63 -8.40
C GLY A 31 -11.01 -16.04 -7.26
N ALA A 32 -9.75 -15.66 -7.30
CA ALA A 32 -8.85 -15.90 -6.19
C ALA A 32 -9.24 -15.02 -5.02
N ALA A 33 -8.84 -15.41 -3.84
CA ALA A 33 -8.95 -14.55 -2.69
C ALA A 33 -8.15 -13.32 -3.01
N ALA A 34 -8.78 -12.17 -2.97
CA ALA A 34 -8.12 -10.91 -3.33
C ALA A 34 -8.02 -10.00 -2.15
N GLN A 35 -6.97 -9.19 -2.13
CA GLN A 35 -6.78 -8.23 -1.08
C GLN A 35 -6.89 -6.79 -1.54
N PHE A 36 -6.24 -6.44 -2.63
CA PHE A 36 -6.16 -5.08 -3.14
C PHE A 36 -6.33 -5.08 -4.65
N PRO A 37 -7.50 -5.47 -5.15
CA PRO A 37 -7.74 -5.48 -6.59
C PRO A 37 -7.84 -4.07 -7.17
N GLY A 38 -7.46 -3.95 -8.43
CA GLY A 38 -7.52 -2.70 -9.17
C GLY A 38 -6.59 -2.70 -10.35
N THR A 39 -6.92 -1.90 -11.37
CA THR A 39 -6.17 -1.82 -12.65
C THR A 39 -4.78 -1.23 -12.41
N MET A 40 -3.89 -1.41 -13.37
CA MET A 40 -2.51 -0.84 -13.32
C MET A 40 -2.59 0.68 -13.59
N ALA A 41 -1.52 1.42 -13.22
CA ALA A 41 -1.52 2.82 -12.83
C ALA A 41 -1.83 4.00 -13.79
N GLU A 42 -1.84 5.25 -13.13
CA GLU A 42 -1.48 6.52 -13.79
C GLU A 42 -0.01 6.85 -13.46
N ASP A 43 0.81 6.88 -14.55
CA ASP A 43 2.27 7.05 -14.54
C ASP A 43 2.58 8.22 -15.50
N ASP A 44 2.43 9.45 -14.95
CA ASP A 44 2.66 10.73 -15.63
C ASP A 44 4.03 11.25 -15.17
N GLY A 45 5.01 11.28 -16.06
CA GLY A 45 6.33 11.73 -15.63
C GLY A 45 6.35 13.13 -15.06
N ARG A 46 5.32 13.93 -15.35
CA ARG A 46 5.26 15.28 -14.77
C ARG A 46 4.97 15.25 -13.29
N SER A 47 4.57 14.04 -12.76
CA SER A 47 4.13 13.89 -11.40
C SER A 47 5.16 13.17 -10.56
N PRO A 48 5.35 13.55 -9.30
CA PRO A 48 6.24 12.82 -8.43
C PRO A 48 5.63 11.58 -7.84
N TYR A 49 4.44 11.21 -8.31
CA TYR A 49 3.69 10.05 -7.85
C TYR A 49 3.35 9.10 -8.97
N ILE A 50 3.06 7.85 -8.60
CA ILE A 50 2.34 6.89 -9.40
C ILE A 50 1.04 6.62 -8.65
N VAL A 51 -0.08 6.82 -9.32
CA VAL A 51 -1.38 6.66 -8.69
C VAL A 51 -1.98 5.31 -9.02
N ARG A 52 -2.53 4.64 -7.99
CA ARG A 52 -3.23 3.37 -8.18
C ARG A 52 -4.61 3.52 -7.57
N LYS A 53 -5.62 3.04 -8.28
CA LYS A 53 -7.00 3.03 -7.82
C LYS A 53 -7.27 1.59 -7.37
N LEU A 54 -7.39 1.38 -6.05
CA LEU A 54 -7.45 0.05 -5.48
C LEU A 54 -8.62 -0.06 -4.53
N ARG A 55 -9.17 -1.26 -4.42
CA ARG A 55 -10.19 -1.54 -3.41
C ARG A 55 -9.59 -2.32 -2.26
N ASN A 56 -10.00 -2.00 -1.03
CA ASN A 56 -9.61 -2.75 0.14
C ASN A 56 -10.56 -3.91 0.34
N SER A 57 -10.22 -5.05 -0.24
CA SER A 57 -11.09 -6.24 -0.20
C SER A 57 -10.87 -7.07 1.06
N SER A 58 -11.29 -6.48 2.19
CA SER A 58 -11.13 -7.10 3.52
C SER A 58 -12.07 -6.40 4.48
N GLY A 59 -12.13 -6.93 5.68
CA GLY A 59 -12.82 -6.31 6.81
C GLY A 59 -11.90 -5.50 7.70
N LYS A 60 -10.70 -5.12 7.21
CA LYS A 60 -9.72 -4.34 7.95
C LYS A 60 -9.82 -2.86 7.60
N ARG A 61 -9.61 -2.01 8.59
CA ARG A 61 -9.44 -0.58 8.41
C ARG A 61 -7.97 -0.27 8.54
N PHE A 62 -7.39 0.31 7.50
CA PHE A 62 -5.99 0.63 7.46
C PHE A 62 -5.69 2.13 7.56
N TYR A 63 -4.60 2.43 8.22
CA TYR A 63 -3.91 3.70 8.13
C TYR A 63 -2.78 3.51 7.12
N VAL A 64 -2.66 4.40 6.15
CA VAL A 64 -1.79 4.22 4.99
C VAL A 64 -0.76 5.32 4.93
N PHE A 65 0.50 4.94 4.88
CA PHE A 65 1.61 5.88 4.78
C PHE A 65 2.32 5.68 3.44
N THR A 66 2.64 6.80 2.77
CA THR A 66 3.40 6.77 1.51
C THR A 66 4.64 7.67 1.60
N ASP A 67 4.91 8.29 2.75
CA ASP A 67 6.05 9.19 2.94
C ASP A 67 6.16 9.47 4.43
N HIS A 68 7.20 10.24 4.78
CA HIS A 68 7.38 10.74 6.15
C HIS A 68 8.13 12.05 6.05
N PRO A 69 7.74 13.07 6.81
CA PRO A 69 6.60 13.10 7.72
C PRO A 69 5.29 13.26 6.95
N GLN A 70 4.23 12.67 7.48
CA GLN A 70 2.94 12.66 6.81
C GLN A 70 1.88 12.30 7.84
N GLN A 71 0.70 12.81 7.62
CA GLN A 71 -0.49 12.27 8.27
C GLN A 71 -0.99 11.11 7.43
N PRO A 72 -1.29 9.96 8.03
CA PRO A 72 -1.76 8.87 7.20
C PRO A 72 -3.15 9.13 6.67
N ILE A 73 -3.51 8.41 5.63
CA ILE A 73 -4.88 8.39 5.18
C ILE A 73 -5.54 7.10 5.65
N ILE A 74 -6.86 7.11 5.69
CA ILE A 74 -7.64 6.06 6.27
C ILE A 74 -8.35 5.31 5.14
N TRP A 75 -8.26 3.98 5.15
CA TRP A 75 -8.82 3.14 4.08
C TRP A 75 -9.74 2.11 4.75
N ASN A 76 -11.04 2.32 4.64
CA ASN A 76 -12.03 1.46 5.31
C ASN A 76 -12.34 0.22 4.47
N PRO A 77 -12.89 -0.81 5.12
CA PRO A 77 -13.27 -2.02 4.43
C PRO A 77 -14.11 -1.74 3.20
N HIS A 78 -13.73 -2.38 2.11
CA HIS A 78 -14.49 -2.44 0.86
C HIS A 78 -14.44 -1.19 0.05
N GLU A 79 -13.74 -0.18 0.49
CA GLU A 79 -13.69 1.10 -0.18
C GLU A 79 -12.62 1.11 -1.27
N GLU A 80 -12.92 1.81 -2.36
CA GLU A 80 -11.98 2.04 -3.45
C GLU A 80 -11.43 3.45 -3.29
N ILE A 81 -10.09 3.60 -3.27
CA ILE A 81 -9.45 4.90 -3.17
C ILE A 81 -8.30 4.95 -4.17
N GLU A 82 -7.80 6.16 -4.39
CA GLU A 82 -6.57 6.36 -5.14
C GLU A 82 -5.42 6.55 -4.16
N ILE A 83 -4.38 5.76 -4.28
CA ILE A 83 -3.17 5.91 -3.48
C ILE A 83 -2.13 6.57 -4.36
N GLN A 84 -1.50 7.64 -3.84
CA GLN A 84 -0.43 8.35 -4.48
C GLN A 84 0.89 7.78 -3.96
N PHE A 85 1.42 6.77 -4.66
CA PHE A 85 2.72 6.26 -4.28
C PHE A 85 3.79 7.23 -4.71
N SER A 86 4.74 7.53 -3.84
CA SER A 86 5.83 8.43 -4.20
C SER A 86 6.83 7.68 -5.11
N ARG A 87 7.30 8.36 -6.16
CA ARG A 87 8.37 7.79 -6.97
C ARG A 87 9.65 7.55 -6.16
N LYS A 88 9.81 8.20 -5.04
CA LYS A 88 10.99 7.97 -4.23
C LYS A 88 11.03 6.59 -3.62
N TYR A 89 9.86 5.98 -3.40
CA TYR A 89 9.72 4.79 -2.57
C TYR A 89 8.99 3.66 -3.26
N LEU A 90 7.87 3.97 -3.92
CA LEU A 90 7.05 2.98 -4.60
C LEU A 90 6.53 1.89 -3.68
N ILE A 91 6.29 2.25 -2.42
CA ILE A 91 5.63 1.38 -1.44
C ILE A 91 4.66 2.24 -0.63
N ALA A 92 3.69 1.55 -0.05
CA ALA A 92 2.81 2.09 0.98
C ALA A 92 2.90 1.15 2.17
N VAL A 93 2.87 1.71 3.36
CA VAL A 93 2.89 0.93 4.59
C VAL A 93 1.48 1.06 5.19
N LEU A 94 0.85 -0.09 5.44
CA LEU A 94 -0.50 -0.17 5.96
C LEU A 94 -0.52 -0.84 7.33
N THR A 95 -1.25 -0.23 8.26
CA THR A 95 -1.41 -0.73 9.63
C THR A 95 -2.87 -0.60 10.04
N GLU A 96 -3.33 -1.47 10.92
CA GLU A 96 -4.65 -1.36 11.52
C GLU A 96 -4.70 -0.47 12.77
N PHE A 97 -3.72 0.33 13.05
CA PHE A 97 -3.81 1.30 14.10
C PHE A 97 -3.12 2.56 13.60
N GLU A 98 -3.36 3.67 14.30
CA GLU A 98 -2.83 4.96 13.88
C GLU A 98 -1.37 5.04 14.38
N ALA A 99 -0.46 4.66 13.51
CA ALA A 99 0.95 4.76 13.80
C ALA A 99 1.46 6.16 13.48
N ASP A 100 2.68 6.43 13.90
CA ASP A 100 3.40 7.62 13.45
C ASP A 100 4.13 7.31 12.16
N SER A 101 4.24 8.32 11.30
CA SER A 101 4.80 8.09 9.98
C SER A 101 6.26 7.67 10.03
N LYS A 102 6.94 7.78 11.17
CA LYS A 102 8.30 7.22 11.29
C LYS A 102 8.31 5.74 10.96
N VAL A 103 7.18 5.04 11.11
CA VAL A 103 7.16 3.62 10.72
C VAL A 103 7.47 3.48 9.23
N PHE A 104 7.04 4.47 8.42
CA PHE A 104 7.28 4.39 6.99
C PHE A 104 8.78 4.33 6.72
N THR A 105 9.57 5.16 7.44
CA THR A 105 11.01 5.21 7.19
C THR A 105 11.66 3.87 7.48
N HIS A 106 11.16 3.17 8.52
CA HIS A 106 11.70 1.85 8.84
C HIS A 106 11.64 0.92 7.62
N PHE A 107 10.47 0.88 6.95
CA PHE A 107 10.31 0.00 5.82
C PHE A 107 10.98 0.54 4.58
N ALA A 108 10.98 1.87 4.40
CA ALA A 108 11.66 2.45 3.26
C ALA A 108 13.17 2.12 3.29
N ARG A 109 13.79 2.19 4.45
CA ARG A 109 15.21 1.81 4.54
C ARG A 109 15.39 0.33 4.24
N ARG A 110 14.51 -0.50 4.76
CA ARG A 110 14.69 -1.95 4.60
C ARG A 110 14.50 -2.39 3.16
N GLN A 111 13.73 -1.66 2.38
CA GLN A 111 13.47 -2.05 1.02
C GLN A 111 14.76 -2.21 0.20
N HIS A 112 15.75 -1.38 0.46
CA HIS A 112 17.02 -1.35 -0.29
C HIS A 112 18.16 -2.02 0.43
N ARG A 113 17.88 -2.79 1.46
CA ARG A 113 18.92 -3.59 2.12
C ARG A 113 18.93 -4.97 1.50
MG MG B . 5.75 -10.12 -7.32
MG MG C . 9.47 12.95 2.92
#